data_9GEW
#
_entry.id   9GEW
#
_cell.length_a   35.468
_cell.length_b   49.147
_cell.length_c   79.766
_cell.angle_alpha   90.000
_cell.angle_beta   90.000
_cell.angle_gamma   90.000
#
_symmetry.space_group_name_H-M   'P 21 21 21'
#
loop_
_entity.id
_entity.type
_entity.pdbx_description
1 polymer CREBBP
2 non-polymer (4~{R})-6-[(~{E})-5-(6-methoxy-2,3-dihydro-1,4-benzoxazin-4-yl)pent-1-enyl]-4-methyl-1,3,4,5-tetrahydro-1,5-benzodiazepin-2-one
3 non-polymer (R,R)-2,3-BUTANEDIOL
4 water water
#
_entity_poly.entity_id   1
_entity_poly.type   'polypeptide(L)'
_entity_poly.pdbx_seq_one_letter_code
;SMRKKIFKPEELRQALMPTLEALYRQDPESLPFRQPVDPQLLGIPDYFDIVKNPMDLSTIKRKLDTGQYQEPWQYVDDVW
LMFNNAWLYNRKTSRVYKFCSKLAEVFEQEIDPVMQSLG
;
_entity_poly.pdbx_strand_id   A
#
loop_
_chem_comp.id
_chem_comp.type
_chem_comp.name
_chem_comp.formula
A1IKI non-polymer (4~{R})-6-[(~{E})-5-(6-methoxy-2,3-dihydro-1,4-benzoxazin-4-yl)pent-1-enyl]-4-methyl-1,3,4,5-tetrahydro-1,5-benzodiazepin-2-one 'C24 H29 N3 O3'
BU3 non-polymer (R,R)-2,3-BUTANEDIOL 'C4 H10 O2'
#
# COMPACT_ATOMS: atom_id res chain seq x y z
CA SER A 1 9.98 -23.91 15.09
C SER A 1 10.62 -22.69 14.42
N MET A 2 11.95 -22.70 14.28
CA MET A 2 12.67 -21.62 13.64
C MET A 2 12.88 -21.83 12.15
N ARG A 3 12.41 -22.94 11.58
CA ARG A 3 12.39 -23.06 10.13
C ARG A 3 11.46 -22.00 9.58
N LYS A 4 12.00 -21.07 8.80
CA LYS A 4 11.21 -19.97 8.26
C LYS A 4 10.14 -20.51 7.32
N LYS A 5 8.91 -20.04 7.49
CA LYS A 5 7.85 -20.37 6.55
C LYS A 5 8.13 -19.71 5.21
N ILE A 6 7.95 -20.47 4.13
CA ILE A 6 8.08 -19.97 2.77
C ILE A 6 6.68 -19.65 2.27
N PHE A 7 6.50 -18.45 1.72
CA PHE A 7 5.25 -18.07 1.06
C PHE A 7 5.52 -18.04 -0.43
N LYS A 8 4.74 -18.78 -1.17
CA LYS A 8 4.87 -18.80 -2.62
C LYS A 8 4.21 -17.59 -3.26
N PRO A 9 4.72 -17.11 -4.40
CA PRO A 9 4.19 -15.85 -4.94
C PRO A 9 2.70 -15.88 -5.23
N GLU A 10 2.15 -17.00 -5.75
CA GLU A 10 0.72 -17.04 -6.05
C GLU A 10 -0.12 -17.14 -4.79
N GLU A 11 0.41 -17.76 -3.72
CA GLU A 11 -0.28 -17.71 -2.44
C GLU A 11 -0.40 -16.28 -1.94
N LEU A 12 0.70 -15.52 -2.00
CA LEU A 12 0.64 -14.12 -1.57
C LEU A 12 -0.28 -13.32 -2.49
N ARG A 13 -0.25 -13.62 -3.79
CA ARG A 13 -1.05 -12.83 -4.70
C ARG A 13 -2.53 -13.07 -4.43
N GLN A 14 -2.93 -14.33 -4.26
CA GLN A 14 -4.34 -14.62 -4.00
C GLN A 14 -4.79 -14.04 -2.66
N ALA A 15 -3.90 -14.06 -1.67
CA ALA A 15 -4.31 -13.59 -0.34
C ALA A 15 -4.33 -12.06 -0.26
N LEU A 16 -3.32 -11.41 -0.84
CA LEU A 16 -3.13 -9.98 -0.64
C LEU A 16 -3.77 -9.13 -1.72
N MET A 17 -3.91 -9.62 -2.96
CA MET A 17 -4.50 -8.78 -4.00
C MET A 17 -5.90 -8.28 -3.64
N PRO A 18 -6.78 -9.06 -3.00
CA PRO A 18 -8.06 -8.49 -2.60
C PRO A 18 -7.93 -7.31 -1.66
N THR A 19 -6.87 -7.27 -0.84
CA THR A 19 -6.74 -6.12 0.06
C THR A 19 -6.32 -4.88 -0.70
N LEU A 20 -5.54 -5.06 -1.77
CA LEU A 20 -5.19 -3.93 -2.62
C LEU A 20 -6.40 -3.48 -3.44
N GLU A 21 -7.19 -4.43 -3.94
CA GLU A 21 -8.41 -4.09 -4.65
C GLU A 21 -9.37 -3.28 -3.78
N ALA A 22 -9.43 -3.60 -2.48
CA ALA A 22 -10.29 -2.82 -1.59
C ALA A 22 -9.84 -1.37 -1.50
N LEU A 23 -8.55 -1.11 -1.60
CA LEU A 23 -8.07 0.27 -1.64
C LEU A 23 -8.45 0.94 -2.96
N TYR A 24 -8.25 0.24 -4.08
CA TYR A 24 -8.65 0.79 -5.38
C TYR A 24 -10.15 1.09 -5.40
N ARG A 25 -10.96 0.26 -4.74
CA ARG A 25 -12.40 0.48 -4.81
C ARG A 25 -12.86 1.72 -4.05
N GLN A 26 -12.03 2.29 -3.21
CA GLN A 26 -12.36 3.55 -2.54
CA GLN A 26 -12.37 3.54 -2.55
C GLN A 26 -12.23 4.68 -3.55
N ASP A 27 -13.34 5.35 -3.81
CA ASP A 27 -13.40 6.34 -4.85
C ASP A 27 -14.29 7.45 -4.31
N PRO A 28 -13.81 8.67 -4.16
CA PRO A 28 -12.58 9.24 -4.73
C PRO A 28 -11.28 8.99 -3.97
N GLU A 29 -11.31 8.31 -2.83
CA GLU A 29 -10.16 8.37 -1.92
C GLU A 29 -8.89 7.78 -2.53
N SER A 30 -9.01 6.77 -3.38
CA SER A 30 -7.79 6.16 -3.96
C SER A 30 -7.24 6.93 -5.15
N LEU A 31 -8.01 7.86 -5.74
CA LEU A 31 -7.59 8.45 -7.01
C LEU A 31 -6.21 9.07 -6.94
N PRO A 32 -5.81 9.79 -5.88
CA PRO A 32 -4.46 10.39 -5.89
C PRO A 32 -3.35 9.40 -5.66
N PHE A 33 -3.66 8.13 -5.37
CA PHE A 33 -2.71 7.10 -5.01
C PHE A 33 -2.55 6.06 -6.10
N ARG A 34 -3.27 6.20 -7.20
CA ARG A 34 -3.30 5.10 -8.18
C ARG A 34 -2.09 5.06 -9.09
N GLN A 35 -1.35 6.16 -9.23
CA GLN A 35 -0.24 6.23 -10.15
C GLN A 35 0.96 6.85 -9.45
N PRO A 36 2.18 6.59 -9.92
CA PRO A 36 3.35 7.23 -9.33
C PRO A 36 3.26 8.74 -9.46
N VAL A 37 3.70 9.44 -8.40
CA VAL A 37 3.70 10.90 -8.40
C VAL A 37 4.67 11.41 -9.45
N ASP A 38 4.18 12.30 -10.31
CA ASP A 38 5.01 13.08 -11.23
C ASP A 38 4.97 14.51 -10.69
N PRO A 39 5.98 14.94 -9.90
CA PRO A 39 5.85 16.24 -9.21
C PRO A 39 5.64 17.41 -10.15
N GLN A 40 6.31 17.42 -11.29
CA GLN A 40 6.17 18.60 -12.19
C GLN A 40 4.76 18.59 -12.83
N LEU A 41 4.31 17.41 -13.28
CA LEU A 41 3.00 17.36 -13.91
C LEU A 41 1.90 17.79 -12.95
N LEU A 42 2.04 17.43 -11.68
CA LEU A 42 1.01 17.69 -10.68
C LEU A 42 1.13 19.08 -10.06
N GLY A 43 2.19 19.83 -10.39
CA GLY A 43 2.34 21.15 -9.80
C GLY A 43 2.86 21.13 -8.38
N ILE A 44 3.52 20.05 -7.97
CA ILE A 44 4.11 19.94 -6.63
C ILE A 44 5.60 19.64 -6.76
N PRO A 45 6.39 20.54 -7.36
CA PRO A 45 7.80 20.24 -7.63
C PRO A 45 8.66 20.05 -6.40
N ASP A 46 8.21 20.42 -5.19
CA ASP A 46 8.98 20.13 -3.98
C ASP A 46 8.85 18.69 -3.50
N TYR A 47 8.05 17.85 -4.17
CA TYR A 47 7.66 16.57 -3.59
C TYR A 47 8.88 15.70 -3.23
N PHE A 48 9.82 15.54 -4.15
CA PHE A 48 10.95 14.64 -3.85
C PHE A 48 11.94 15.23 -2.87
N ASP A 49 11.84 16.53 -2.55
CA ASP A 49 12.64 17.10 -1.47
C ASP A 49 12.13 16.65 -0.13
N ILE A 50 10.87 16.22 -0.07
CA ILE A 50 10.23 15.82 1.17
CA ILE A 50 10.23 15.82 1.17
C ILE A 50 10.07 14.31 1.28
N VAL A 51 9.67 13.67 0.19
CA VAL A 51 9.39 12.23 0.15
C VAL A 51 10.55 11.56 -0.55
N LYS A 52 11.35 10.83 0.21
CA LYS A 52 12.54 10.21 -0.34
C LYS A 52 12.29 8.84 -0.94
N ASN A 53 11.20 8.14 -0.57
CA ASN A 53 10.92 6.79 -1.04
C ASN A 53 9.47 6.73 -1.50
N PRO A 54 9.19 7.17 -2.73
CA PRO A 54 7.81 7.18 -3.22
C PRO A 54 7.22 5.79 -3.33
N MET A 55 5.91 5.71 -3.15
CA MET A 55 5.20 4.45 -3.29
C MET A 55 3.76 4.74 -3.66
N ASP A 56 3.16 3.90 -4.52
CA ASP A 56 1.79 4.11 -4.94
C ASP A 56 1.15 2.76 -5.24
N LEU A 57 -0.16 2.80 -5.47
CA LEU A 57 -0.92 1.55 -5.67
C LEU A 57 -0.46 0.76 -6.89
N SER A 58 -0.14 1.45 -7.99
CA SER A 58 0.26 0.72 -9.20
C SER A 58 1.59 0.02 -9.00
N THR A 59 2.49 0.61 -8.22
CA THR A 59 3.77 -0.05 -7.99
C THR A 59 3.60 -1.26 -7.08
N ILE A 60 2.78 -1.13 -6.03
CA ILE A 60 2.50 -2.27 -5.16
C ILE A 60 1.87 -3.39 -5.96
N LYS A 61 0.94 -3.05 -6.87
CA LYS A 61 0.31 -4.10 -7.67
C LYS A 61 1.34 -4.81 -8.53
N ARG A 62 2.22 -4.03 -9.17
CA ARG A 62 3.24 -4.64 -10.02
C ARG A 62 4.19 -5.53 -9.21
N LYS A 63 4.52 -5.11 -7.98
CA LYS A 63 5.37 -5.92 -7.13
C LYS A 63 4.70 -7.23 -6.75
N LEU A 64 3.38 -7.23 -6.51
CA LEU A 64 2.71 -8.49 -6.23
C LEU A 64 2.69 -9.37 -7.47
N ASP A 65 2.45 -8.76 -8.63
CA ASP A 65 2.38 -9.56 -9.86
C ASP A 65 3.71 -10.15 -10.24
N THR A 66 4.81 -9.51 -9.87
CA THR A 66 6.14 -9.95 -10.28
C THR A 66 6.90 -10.65 -9.17
N GLY A 67 6.22 -11.05 -8.11
CA GLY A 67 6.82 -11.87 -7.07
C GLY A 67 7.86 -11.15 -6.27
N GLN A 68 7.72 -9.83 -6.11
CA GLN A 68 8.74 -9.10 -5.38
CA GLN A 68 8.70 -9.05 -5.38
C GLN A 68 8.50 -9.09 -3.88
N TYR A 69 7.45 -9.71 -3.39
CA TYR A 69 7.27 -9.82 -1.95
C TYR A 69 7.48 -11.26 -1.55
N GLN A 70 8.42 -11.51 -0.66
CA GLN A 70 8.63 -12.85 -0.11
C GLN A 70 7.80 -13.08 1.15
N GLU A 71 7.42 -12.02 1.86
CA GLU A 71 6.72 -12.16 3.12
C GLU A 71 5.55 -11.19 3.09
N PRO A 72 4.41 -11.55 3.68
CA PRO A 72 3.28 -10.61 3.73
C PRO A 72 3.64 -9.28 4.36
N TRP A 73 4.51 -9.26 5.37
CA TRP A 73 4.84 -7.98 6.00
CA TRP A 73 4.88 -7.99 6.00
C TRP A 73 5.59 -7.02 5.06
N GLN A 74 6.26 -7.53 4.02
CA GLN A 74 6.90 -6.62 3.06
C GLN A 74 5.86 -5.87 2.24
N TYR A 75 4.74 -6.52 1.94
CA TYR A 75 3.63 -5.86 1.25
C TYR A 75 2.99 -4.83 2.17
N VAL A 76 2.74 -5.22 3.42
CA VAL A 76 2.20 -4.26 4.40
C VAL A 76 3.12 -3.06 4.52
N ASP A 77 4.44 -3.27 4.52
CA ASP A 77 5.37 -2.15 4.66
C ASP A 77 5.23 -1.16 3.50
N ASP A 78 5.03 -1.64 2.28
CA ASP A 78 4.85 -0.72 1.14
C ASP A 78 3.54 0.05 1.22
N VAL A 79 2.46 -0.60 1.63
CA VAL A 79 1.20 0.12 1.76
C VAL A 79 1.37 1.22 2.83
N TRP A 80 2.03 0.88 3.93
CA TRP A 80 2.25 1.85 5.00
C TRP A 80 3.22 2.95 4.59
N LEU A 81 4.23 2.64 3.77
CA LEU A 81 5.08 3.68 3.21
C LEU A 81 4.27 4.66 2.41
N MET A 82 3.35 4.17 1.58
CA MET A 82 2.48 5.07 0.84
C MET A 82 1.67 5.96 1.77
N PHE A 83 1.10 5.38 2.84
CA PHE A 83 0.34 6.20 3.80
C PHE A 83 1.25 7.22 4.50
N ASN A 84 2.38 6.78 5.01
CA ASN A 84 3.23 7.70 5.74
C ASN A 84 3.75 8.80 4.84
N ASN A 85 4.02 8.50 3.56
CA ASN A 85 4.43 9.56 2.65
C ASN A 85 3.36 10.63 2.57
N ALA A 86 2.09 10.22 2.48
CA ALA A 86 1.05 11.22 2.29
C ALA A 86 0.75 11.98 3.57
N TRP A 87 0.84 11.33 4.72
CA TRP A 87 0.66 12.10 5.97
C TRP A 87 1.82 13.08 6.18
N LEU A 88 3.02 12.74 5.69
CA LEU A 88 4.17 13.62 5.80
C LEU A 88 4.05 14.80 4.86
N TYR A 89 3.71 14.54 3.60
CA TYR A 89 3.78 15.60 2.59
C TYR A 89 2.63 16.58 2.69
N ASN A 90 1.40 16.10 2.90
CA ASN A 90 0.22 16.90 2.70
C ASN A 90 -0.23 17.60 3.98
N ARG A 91 -0.84 18.76 3.80
CA ARG A 91 -1.43 19.45 4.95
C ARG A 91 -2.67 18.73 5.45
N LYS A 92 -2.98 18.90 6.73
CA LYS A 92 -4.02 18.08 7.35
C LYS A 92 -5.40 18.42 6.83
N THR A 93 -5.62 19.60 6.26
CA THR A 93 -6.91 19.93 5.65
C THR A 93 -7.06 19.44 4.20
N SER A 94 -6.00 18.89 3.61
CA SER A 94 -6.04 18.61 2.18
C SER A 94 -6.81 17.32 1.89
N ARG A 95 -7.30 17.23 0.66
CA ARG A 95 -7.96 16.00 0.21
C ARG A 95 -7.05 14.79 0.35
N VAL A 96 -5.79 14.90 -0.10
CA VAL A 96 -4.94 13.72 -0.10
C VAL A 96 -4.70 13.21 1.32
N TYR A 97 -4.53 14.12 2.27
CA TYR A 97 -4.32 13.71 3.65
C TYR A 97 -5.55 12.98 4.19
N LYS A 98 -6.74 13.57 4.01
CA LYS A 98 -7.95 12.93 4.53
C LYS A 98 -8.25 11.63 3.79
N PHE A 99 -7.99 11.61 2.48
CA PHE A 99 -8.14 10.37 1.72
C PHE A 99 -7.19 9.29 2.24
N CYS A 100 -5.95 9.68 2.53
CA CYS A 100 -5.01 8.73 3.11
C CYS A 100 -5.57 8.13 4.41
N SER A 101 -6.06 8.99 5.32
CA SER A 101 -6.59 8.50 6.58
C SER A 101 -7.71 7.49 6.36
N LYS A 102 -8.54 7.72 5.33
CA LYS A 102 -9.60 6.76 5.06
C LYS A 102 -9.04 5.46 4.49
N LEU A 103 -8.09 5.55 3.57
CA LEU A 103 -7.49 4.32 3.05
C LEU A 103 -6.83 3.51 4.16
N ALA A 104 -6.22 4.19 5.14
CA ALA A 104 -5.57 3.46 6.23
C ALA A 104 -6.59 2.75 7.11
N GLU A 105 -7.76 3.38 7.31
CA GLU A 105 -8.85 2.69 8.01
C GLU A 105 -9.27 1.43 7.27
N VAL A 106 -9.50 1.55 5.97
CA VAL A 106 -9.94 0.42 5.16
C VAL A 106 -8.87 -0.67 5.15
N PHE A 107 -7.61 -0.29 4.95
CA PHE A 107 -6.56 -1.31 4.87
C PHE A 107 -6.45 -2.08 6.18
N GLU A 108 -6.48 -1.38 7.31
CA GLU A 108 -6.40 -2.05 8.61
C GLU A 108 -7.46 -3.16 8.70
N GLN A 109 -8.70 -2.83 8.30
CA GLN A 109 -9.82 -3.76 8.35
C GLN A 109 -9.58 -4.96 7.45
N GLU A 110 -9.11 -4.72 6.23
CA GLU A 110 -8.96 -5.79 5.25
C GLU A 110 -7.78 -6.70 5.58
N ILE A 111 -6.66 -6.13 6.03
CA ILE A 111 -5.44 -6.92 6.14
C ILE A 111 -5.49 -7.86 7.32
N ASP A 112 -6.22 -7.51 8.39
CA ASP A 112 -6.21 -8.31 9.61
C ASP A 112 -6.65 -9.73 9.35
N PRO A 113 -7.84 -9.98 8.78
CA PRO A 113 -8.25 -11.38 8.60
C PRO A 113 -7.37 -12.10 7.63
N VAL A 114 -6.76 -11.37 6.69
CA VAL A 114 -5.87 -12.01 5.72
C VAL A 114 -4.59 -12.47 6.41
N MET A 115 -4.04 -11.65 7.32
CA MET A 115 -2.86 -12.11 8.05
C MET A 115 -3.17 -13.32 8.90
N GLN A 116 -4.37 -13.39 9.47
CA GLN A 116 -4.76 -14.59 10.20
CA GLN A 116 -4.75 -14.59 10.20
C GLN A 116 -4.80 -15.79 9.28
N SER A 117 -5.31 -15.61 8.06
CA SER A 117 -5.40 -16.71 7.11
CA SER A 117 -5.41 -16.72 7.12
CA SER A 117 -5.41 -16.73 7.14
C SER A 117 -4.03 -17.20 6.67
N LEU A 118 -3.06 -16.30 6.56
CA LEU A 118 -1.73 -16.67 6.09
C LEU A 118 -0.90 -17.34 7.16
N GLY A 119 -1.26 -17.21 8.43
N GLY A 119 -1.30 -17.27 8.42
CA GLY A 119 -0.45 -17.74 9.52
CA GLY A 119 -0.60 -17.94 9.50
C GLY A 119 0.78 -16.91 9.80
C GLY A 119 -1.40 -19.09 10.10
C20 A1IKI B . -8.05 12.99 -9.79
C14 A1IKI B . -2.12 13.44 -7.03
C21 A1IKI B . -9.50 13.25 -9.31
C13 A1IKI B . -1.60 14.40 -6.01
C18 A1IKI B . -5.79 13.90 -9.50
C28 A1IKI B . -6.61 14.88 -6.82
C27 A1IKI B . -6.98 15.07 -5.46
C30 A1IKI B . -4.88 16.19 -5.03
C26 A1IKI B . -8.18 14.62 -4.97
C02 A1IKI B . 0.10 11.81 -4.16
C03 A1IKI B . -0.19 10.74 -3.15
C04 A1IKI B . 1.26 12.72 -3.66
C05 A1IKI B . 0.85 13.48 -2.44
C08 A1IKI B . -0.56 14.90 -3.87
C09 A1IKI B . -1.06 13.97 -4.80
C10 A1IKI B . -0.63 16.27 -4.18
C11 A1IKI B . -1.16 16.69 -5.36
C12 A1IKI B . -1.65 15.76 -6.28
C15 A1IKI B . -3.07 13.71 -7.92
C16 A1IKI B . -3.55 12.76 -8.92
C17 A1IKI B . -5.07 12.63 -8.93
C23 A1IKI B . -8.70 13.74 -7.18
C24 A1IKI B . -7.49 14.19 -7.72
C25 A1IKI B . -9.04 13.96 -5.85
N01 A1IKI B . -1.06 12.61 -4.52
N07 A1IKI B . -0.01 14.55 -2.62
N19 A1IKI B . -7.16 13.94 -9.08
O06 A1IKI B . 1.27 13.20 -1.31
O22 A1IKI B . -9.62 13.08 -7.91
O29 A1IKI B . -6.17 15.73 -4.59
O6 BU3 C . 9.99 -4.36 -0.68
C3 BU3 C . 10.57 -5.64 -0.45
C4 BU3 C . 11.35 -5.70 0.85
C2 BU3 C . 11.41 -6.09 -1.66
O5 BU3 C . 10.67 -5.94 -2.85
C1 BU3 C . 11.94 -7.52 -1.54
O6 BU3 D . 10.16 -11.74 -10.67
C3 BU3 D . 11.02 -12.22 -9.64
C4 BU3 D . 10.43 -13.51 -9.07
C2 BU3 D . 11.33 -11.19 -8.54
O5 BU3 D . 12.11 -10.10 -9.03
C1 BU3 D . 11.99 -11.78 -7.30
O6 BU3 E . -1.68 20.63 -4.63
C3 BU3 E . -1.90 21.43 -5.78
C4 BU3 E . -2.67 22.72 -5.50
C2 BU3 E . -2.55 20.56 -6.84
O5 BU3 E . -2.96 21.35 -7.95
C1 BU3 E . -3.64 19.73 -6.20
#